data_3IKG
#
_entry.id   3IKG
#
_cell.length_a   118.255
_cell.length_b   36.530
_cell.length_c   51.320
_cell.angle_alpha   90.00
_cell.angle_beta   100.40
_cell.angle_gamma   90.00
#
_symmetry.space_group_name_H-M   'C 1 2 1'
#
loop_
_entity.id
_entity.type
_entity.pdbx_description
1 polymer 'Peptidyl-prolyl cis-trans isomerase NIMA-interacting 1'
2 non-polymer '(2R)-2-[(1-benzothiophen-2-ylcarbonyl)amino]-3-(3-methylphenyl)propyl phosphate'
3 water water
#
_entity_poly.entity_id   1
_entity_poly.type   'polypeptide(L)'
_entity_poly.pdbx_seq_one_letter_code
;GSHMGKNGQGEPARVRCSHLLVKHSQSRRPSSWRQEQITRTQEEALELINGYIQKIKSGEEDFESLASQFSDCSSAKARG
DLGAFSRGQMQKPFEDASFALRTGEMSGPVFTDSGIHIILRTE
;
_entity_poly.pdbx_strand_id   A,B
#
# COMPACT_ATOMS: atom_id res chain seq x y z
N GLU A 11 8.66 -3.47 -0.56
CA GLU A 11 7.70 -3.60 0.53
C GLU A 11 7.64 -5.04 1.02
N PRO A 12 7.69 -5.24 2.33
CA PRO A 12 7.63 -6.58 2.91
C PRO A 12 6.25 -7.20 2.75
N ALA A 13 6.14 -8.52 2.81
CA ALA A 13 4.84 -9.20 2.73
C ALA A 13 3.87 -8.71 3.80
N ARG A 14 4.38 -8.57 5.01
CA ARG A 14 3.62 -8.16 6.18
C ARG A 14 4.44 -7.18 7.02
N VAL A 15 3.73 -6.37 7.80
CA VAL A 15 4.41 -5.53 8.77
C VAL A 15 3.85 -5.86 10.16
N ARG A 16 4.63 -5.52 11.19
CA ARG A 16 4.12 -5.60 12.55
C ARG A 16 3.97 -4.18 13.09
N CYS A 17 2.79 -3.89 13.65
CA CYS A 17 2.53 -2.61 14.25
C CYS A 17 1.74 -2.74 15.57
N SER A 18 1.94 -1.72 16.37
CA SER A 18 1.16 -1.41 17.56
C SER A 18 0.36 -0.14 17.20
N HIS A 19 -0.76 0.05 17.86
CA HIS A 19 -1.50 1.30 17.61
C HIS A 19 -2.21 1.74 18.87
N LEU A 20 -2.64 3.00 18.84
CA LEU A 20 -3.47 3.56 19.90
C LEU A 20 -4.74 4.08 19.21
N LEU A 21 -5.89 3.53 19.59
CA LEU A 21 -7.16 3.96 18.99
C LEU A 21 -7.96 4.85 19.90
N VAL A 22 -8.46 5.97 19.39
CA VAL A 22 -9.42 6.75 20.17
C VAL A 22 -10.75 6.77 19.42
N LYS A 23 -11.79 6.17 19.96
CA LYS A 23 -13.09 6.14 19.31
C LYS A 23 -13.86 7.41 19.66
N HIS A 24 -14.95 7.66 18.96
CA HIS A 24 -15.79 8.82 19.25
C HIS A 24 -17.24 8.36 19.07
N SER A 25 -18.19 9.23 19.36
CA SER A 25 -19.58 8.79 19.34
C SER A 25 -20.09 8.49 17.94
N GLN A 26 -19.31 8.82 16.91
CA GLN A 26 -19.77 8.56 15.54
C GLN A 26 -18.97 7.42 14.95
N SER A 27 -18.24 6.73 15.84
CA SER A 27 -17.49 5.55 15.42
C SER A 27 -18.46 4.43 15.04
N ARG A 28 -17.97 3.49 14.23
CA ARG A 28 -18.87 2.42 13.80
C ARG A 28 -19.31 1.60 15.00
N ARG A 29 -18.48 1.53 16.03
CA ARG A 29 -18.97 0.81 17.21
C ARG A 29 -18.57 1.57 18.47
N PRO A 30 -19.46 2.46 18.88
CA PRO A 30 -19.13 3.41 19.94
C PRO A 30 -19.14 2.76 21.33
N SER A 31 -18.38 1.69 21.51
CA SER A 31 -18.12 1.15 22.85
C SER A 31 -16.71 0.58 22.88
N SER A 32 -16.09 0.38 24.04
CA SER A 32 -14.77 -0.26 24.11
C SER A 32 -14.58 -1.01 25.43
N TRP A 33 -13.51 -1.78 25.55
CA TRP A 33 -13.24 -2.44 26.82
C TRP A 33 -13.20 -1.45 27.97
N ARG A 34 -12.80 -0.21 27.71
CA ARG A 34 -12.61 0.74 28.82
C ARG A 34 -13.79 1.66 29.03
N GLN A 35 -14.80 1.61 28.16
CA GLN A 35 -15.92 2.57 28.29
C GLN A 35 -17.17 1.98 27.66
N GLU A 36 -18.23 1.84 28.44
CA GLU A 36 -19.42 1.15 27.91
C GLU A 36 -20.06 1.90 26.76
N GLN A 37 -20.08 3.23 26.83
CA GLN A 37 -20.54 4.04 25.71
C GLN A 37 -19.53 5.12 25.39
N ILE A 38 -19.06 5.15 24.14
CA ILE A 38 -18.13 6.25 23.81
C ILE A 38 -18.93 7.55 23.65
N THR A 39 -18.68 8.51 24.54
CA THR A 39 -19.47 9.74 24.47
C THR A 39 -18.67 10.92 23.93
N ARG A 40 -17.35 10.77 23.74
CA ARG A 40 -16.61 11.96 23.33
C ARG A 40 -16.91 12.30 21.87
N THR A 41 -16.80 13.58 21.53
CA THR A 41 -17.04 14.05 20.16
C THR A 41 -15.82 13.74 19.28
N GLN A 42 -16.05 13.65 17.96
CA GLN A 42 -14.86 13.34 17.14
C GLN A 42 -13.88 14.49 17.25
N GLU A 43 -14.31 15.74 17.43
CA GLU A 43 -13.33 16.81 17.64
C GLU A 43 -12.46 16.54 18.87
N GLU A 44 -13.09 16.08 19.94
CA GLU A 44 -12.41 15.76 21.18
C GLU A 44 -11.47 14.58 20.98
N ALA A 45 -11.90 13.60 20.21
CA ALA A 45 -11.05 12.43 19.95
C ALA A 45 -9.77 12.84 19.23
N LEU A 46 -9.86 13.74 18.25
CA LEU A 46 -8.65 14.17 17.56
C LEU A 46 -7.77 15.04 18.45
N GLU A 47 -8.36 15.85 19.31
CA GLU A 47 -7.58 16.63 20.27
C GLU A 47 -6.71 15.69 21.14
N LEU A 48 -7.32 14.63 21.63
CA LEU A 48 -6.62 13.63 22.44
C LEU A 48 -5.45 13.00 21.69
N ILE A 49 -5.70 12.59 20.45
CA ILE A 49 -4.67 11.99 19.60
C ILE A 49 -3.52 12.96 19.38
N ASN A 50 -3.83 14.23 19.11
CA ASN A 50 -2.73 15.16 18.86
C ASN A 50 -1.98 15.45 20.16
N GLY A 51 -2.71 15.41 21.28
CA GLY A 51 -2.12 15.58 22.60
C GLY A 51 -1.11 14.45 22.82
N TYR A 52 -1.52 13.24 22.45
CA TYR A 52 -0.69 12.05 22.64
C TYR A 52 0.55 12.13 21.76
N ILE A 53 0.34 12.53 20.51
CA ILE A 53 1.49 12.70 19.60
C ILE A 53 2.52 13.66 20.17
N GLN A 54 2.06 14.79 20.73
CA GLN A 54 3.05 15.78 21.17
C GLN A 54 3.79 15.36 22.44
N LYS A 55 3.17 14.56 23.29
CA LYS A 55 3.77 14.05 24.52
C LYS A 55 4.81 12.97 24.19
N ILE A 56 4.49 12.20 23.17
CA ILE A 56 5.43 11.16 22.70
C ILE A 56 6.61 11.79 21.99
N LYS A 57 6.37 12.89 21.27
CA LYS A 57 7.48 13.59 20.63
C LYS A 57 8.37 14.28 21.65
N SER A 58 7.80 14.79 22.73
CA SER A 58 8.59 15.49 23.74
C SER A 58 9.32 14.53 24.67
N GLY A 59 8.81 13.30 24.77
CA GLY A 59 9.44 12.30 25.62
C GLY A 59 8.66 12.11 26.91
N GLU A 60 7.66 12.95 27.12
CA GLU A 60 6.88 12.94 28.35
C GLU A 60 6.06 11.67 28.53
N GLU A 61 5.76 10.96 27.45
CA GLU A 61 4.98 9.73 27.52
C GLU A 61 5.52 8.68 26.56
N ASP A 62 5.34 7.42 26.94
CA ASP A 62 5.76 6.30 26.11
C ASP A 62 4.57 5.76 25.30
N PHE A 63 4.79 5.49 24.02
CA PHE A 63 3.74 5.08 23.11
C PHE A 63 2.97 3.89 23.69
N GLU A 64 3.73 2.85 24.01
CA GLU A 64 3.15 1.60 24.48
C GLU A 64 2.48 1.70 25.84
N SER A 65 2.98 2.54 26.74
CA SER A 65 2.27 2.74 28.00
C SER A 65 0.97 3.48 27.79
N LEU A 66 0.97 4.46 26.90
CA LEU A 66 -0.26 5.20 26.62
C LEU A 66 -1.33 4.28 26.05
N ALA A 67 -0.93 3.41 25.11
CA ALA A 67 -1.90 2.55 24.47
C ALA A 67 -2.48 1.53 25.44
N SER A 68 -1.65 0.97 26.32
CA SER A 68 -2.15 -0.01 27.28
C SER A 68 -3.16 0.61 28.23
N GLN A 69 -3.09 1.92 28.46
CA GLN A 69 -4.04 2.52 29.37
C GLN A 69 -5.25 3.13 28.65
N PHE A 70 -5.03 3.75 27.48
CA PHE A 70 -6.13 4.55 26.96
C PHE A 70 -6.64 4.10 25.59
N SER A 71 -6.00 3.12 24.98
CA SER A 71 -6.49 2.68 23.67
C SER A 71 -7.85 1.99 23.81
N ASP A 72 -8.76 2.39 22.92
CA ASP A 72 -10.10 1.81 22.88
C ASP A 72 -10.11 0.54 22.07
N CYS A 73 -8.94 0.06 21.68
CA CYS A 73 -8.85 -1.22 21.00
C CYS A 73 -8.49 -2.28 22.05
N SER A 74 -8.98 -3.50 21.93
CA SER A 74 -8.65 -4.52 22.93
C SER A 74 -7.17 -4.89 22.90
N SER A 75 -6.47 -4.47 21.84
CA SER A 75 -5.02 -4.67 21.78
C SER A 75 -4.28 -3.90 22.87
N ALA A 76 -4.95 -3.02 23.60
CA ALA A 76 -4.36 -2.34 24.74
C ALA A 76 -3.79 -3.35 25.75
N LYS A 77 -4.36 -4.54 25.79
CA LYS A 77 -3.90 -5.56 26.74
C LYS A 77 -2.55 -6.09 26.29
N ALA A 78 -2.21 -5.80 25.04
CA ALA A 78 -0.95 -6.24 24.45
C ALA A 78 0.00 -5.06 24.31
N ARG A 79 -0.33 -4.01 25.06
CA ARG A 79 0.34 -2.72 25.01
C ARG A 79 0.29 -2.20 23.58
N GLY A 80 -0.83 -2.47 22.90
CA GLY A 80 -1.02 -1.89 21.58
C GLY A 80 -0.63 -2.79 20.44
N ASP A 81 0.06 -3.89 20.70
CA ASP A 81 0.56 -4.71 19.60
C ASP A 81 -0.55 -5.44 18.86
N LEU A 82 -0.59 -5.33 17.54
CA LEU A 82 -1.58 -6.06 16.74
C LEU A 82 -0.99 -7.31 16.12
N GLY A 83 0.32 -7.49 16.26
CA GLY A 83 0.96 -8.59 15.55
C GLY A 83 1.16 -8.22 14.08
N ALA A 84 1.47 -9.20 13.27
CA ALA A 84 1.78 -9.00 11.85
C ALA A 84 0.54 -9.09 10.97
N PHE A 85 0.52 -8.32 9.88
CA PHE A 85 -0.63 -8.41 8.99
C PHE A 85 -0.17 -8.08 7.57
N SER A 86 -0.89 -8.62 6.60
CA SER A 86 -0.61 -8.36 5.18
C SER A 86 -1.58 -7.30 4.64
N ARG A 87 -1.40 -6.89 3.39
CA ARG A 87 -2.40 -5.99 2.79
C ARG A 87 -3.69 -6.75 2.57
N GLY A 88 -4.83 -6.07 2.57
CA GLY A 88 -6.08 -6.77 2.36
C GLY A 88 -6.78 -7.24 3.62
N GLN A 89 -6.24 -7.00 4.80
CA GLN A 89 -6.87 -7.47 6.03
C GLN A 89 -7.44 -6.33 6.88
N MET A 90 -6.71 -5.22 6.96
CA MET A 90 -7.17 -4.09 7.77
C MET A 90 -7.95 -3.09 6.93
N GLN A 91 -8.74 -2.22 7.58
CA GLN A 91 -9.40 -1.13 6.84
C GLN A 91 -8.33 -0.38 6.07
N LYS A 92 -8.61 -0.05 4.81
CA LYS A 92 -7.60 0.47 3.91
C LYS A 92 -6.86 1.70 4.38
N PRO A 93 -7.43 2.70 5.02
CA PRO A 93 -6.62 3.82 5.49
C PRO A 93 -5.57 3.38 6.52
N PHE A 94 -5.88 2.37 7.29
CA PHE A 94 -4.97 1.90 8.35
C PHE A 94 -3.80 1.15 7.70
N GLU A 95 -4.18 0.29 6.77
CA GLU A 95 -3.23 -0.46 5.98
C GLU A 95 -2.25 0.46 5.27
N ASP A 96 -2.78 1.47 4.56
CA ASP A 96 -1.90 2.37 3.82
C ASP A 96 -0.94 3.11 4.75
N ALA A 97 -1.39 3.64 5.88
CA ALA A 97 -0.46 4.33 6.77
C ALA A 97 0.61 3.38 7.33
N SER A 98 0.20 2.17 7.67
CA SER A 98 1.13 1.22 8.27
C SER A 98 2.24 0.86 7.31
N PHE A 99 1.87 0.53 6.06
CA PHE A 99 2.88 0.07 5.12
C PHE A 99 3.73 1.25 4.65
N ALA A 100 3.31 2.47 4.93
CA ALA A 100 4.17 3.60 4.56
C ALA A 100 5.16 3.91 5.65
N LEU A 101 5.05 3.29 6.83
CA LEU A 101 6.04 3.63 7.85
C LEU A 101 7.29 2.79 7.74
N ARG A 102 8.41 3.37 8.17
CA ARG A 102 9.66 2.68 8.37
C ARG A 102 9.58 1.95 9.72
N THR A 103 10.35 0.88 9.91
CA THR A 103 10.32 0.28 11.25
C THR A 103 10.79 1.30 12.27
N GLY A 104 10.16 1.44 13.43
CA GLY A 104 10.49 2.40 14.45
C GLY A 104 9.81 3.75 14.29
N GLU A 105 9.06 3.95 13.21
CA GLU A 105 8.45 5.26 12.95
C GLU A 105 6.98 5.25 13.37
N MET A 106 6.46 6.43 13.71
CA MET A 106 5.11 6.61 14.22
C MET A 106 4.31 7.45 13.22
N SER A 107 3.06 7.09 13.00
CA SER A 107 2.21 7.87 12.09
C SER A 107 1.72 9.15 12.74
N GLY A 108 1.13 10.03 11.94
CA GLY A 108 0.26 11.06 12.50
C GLY A 108 -1.16 10.46 12.63
N PRO A 109 -2.16 11.31 12.79
CA PRO A 109 -3.55 10.83 12.94
C PRO A 109 -3.98 10.04 11.71
N VAL A 110 -4.59 8.88 11.96
CA VAL A 110 -5.07 8.00 10.89
C VAL A 110 -6.56 7.79 11.11
N PHE A 111 -7.40 8.02 10.10
CA PHE A 111 -8.85 7.95 10.30
C PHE A 111 -9.47 6.72 9.67
N THR A 112 -10.24 5.95 10.45
CA THR A 112 -10.93 4.82 9.89
C THR A 112 -12.37 4.80 10.38
N ASP A 113 -13.15 3.85 9.88
CA ASP A 113 -14.52 3.79 10.42
C ASP A 113 -14.50 3.46 11.91
N SER A 114 -13.48 2.75 12.41
CA SER A 114 -13.45 2.47 13.85
C SER A 114 -13.19 3.71 14.69
N GLY A 115 -12.48 4.72 14.17
CA GLY A 115 -12.17 5.90 14.97
C GLY A 115 -10.82 6.48 14.59
N ILE A 116 -10.06 7.06 15.50
CA ILE A 116 -8.81 7.73 15.10
C ILE A 116 -7.60 7.07 15.78
N HIS A 117 -6.57 6.79 15.01
CA HIS A 117 -5.40 6.02 15.35
C HIS A 117 -4.09 6.77 15.26
N ILE A 118 -3.17 6.36 16.12
CA ILE A 118 -1.75 6.61 15.86
C ILE A 118 -1.09 5.23 15.80
N ILE A 119 -0.14 5.06 14.90
CA ILE A 119 0.39 3.74 14.59
C ILE A 119 1.91 3.77 14.70
N LEU A 120 2.44 2.70 15.27
CA LEU A 120 3.89 2.54 15.41
C LEU A 120 4.30 1.25 14.73
N ARG A 121 5.14 1.36 13.69
CA ARG A 121 5.59 0.14 13.03
C ARG A 121 6.78 -0.44 13.79
N THR A 122 6.72 -1.72 14.12
CA THR A 122 7.79 -2.33 14.89
C THR A 122 8.56 -3.35 14.09
N GLU A 123 7.95 -3.94 13.05
CA GLU A 123 8.72 -4.86 12.20
C GLU A 123 8.23 -4.73 10.75
N GLU B 11 27.40 0.15 -16.13
CA GLU B 11 26.00 -0.22 -15.90
C GLU B 11 25.93 -1.15 -14.69
N PRO B 12 24.92 -0.98 -13.84
CA PRO B 12 24.77 -1.89 -12.70
C PRO B 12 24.45 -3.29 -13.19
N ALA B 13 24.82 -4.34 -12.44
CA ALA B 13 24.56 -5.69 -12.95
C ALA B 13 23.07 -6.05 -12.90
N ARG B 14 22.31 -5.30 -12.11
CA ARG B 14 20.89 -5.58 -11.94
C ARG B 14 20.13 -4.26 -11.80
N VAL B 15 18.88 -4.28 -12.25
CA VAL B 15 17.95 -3.20 -11.98
C VAL B 15 16.74 -3.83 -11.29
N ARG B 16 16.06 -3.04 -10.48
CA ARG B 16 14.76 -3.46 -9.97
C ARG B 16 13.65 -2.68 -10.70
N CYS B 17 12.54 -3.38 -11.01
CA CYS B 17 11.44 -2.68 -11.63
C CYS B 17 10.10 -3.17 -11.11
N SER B 18 9.12 -2.27 -11.13
CA SER B 18 7.74 -2.73 -11.02
C SER B 18 7.07 -2.54 -12.39
N HIS B 19 5.97 -3.22 -12.67
CA HIS B 19 5.31 -2.95 -13.94
C HIS B 19 3.80 -3.17 -13.80
N LEU B 20 3.05 -2.64 -14.75
CA LEU B 20 1.63 -2.94 -14.93
C LEU B 20 1.49 -3.48 -16.36
N LEU B 21 1.03 -4.71 -16.46
CA LEU B 21 0.84 -5.37 -17.74
C LEU B 21 -0.63 -5.39 -18.15
N VAL B 22 -0.96 -4.99 -19.37
CA VAL B 22 -2.29 -5.25 -19.93
C VAL B 22 -2.15 -6.19 -21.12
N LYS B 23 -2.66 -7.43 -21.00
CA LYS B 23 -2.55 -8.39 -22.08
C LYS B 23 -3.66 -8.19 -23.13
N HIS B 24 -3.60 -8.94 -24.21
CA HIS B 24 -4.62 -8.88 -25.24
C HIS B 24 -4.71 -10.21 -25.97
N SER B 25 -5.65 -10.31 -26.93
CA SER B 25 -5.90 -11.60 -27.55
C SER B 25 -4.69 -12.15 -28.29
N GLN B 26 -3.75 -11.27 -28.64
CA GLN B 26 -2.60 -11.80 -29.36
C GLN B 26 -1.38 -11.91 -28.45
N SER B 27 -1.57 -11.80 -27.14
CA SER B 27 -0.52 -12.13 -26.18
C SER B 27 -0.13 -13.60 -26.29
N ARG B 28 1.14 -13.93 -26.02
CA ARG B 28 1.57 -15.33 -26.05
C ARG B 28 0.72 -16.25 -25.19
N ARG B 29 0.23 -15.73 -24.08
CA ARG B 29 -0.65 -16.42 -23.14
C ARG B 29 -1.79 -15.46 -22.77
N PRO B 30 -2.88 -15.53 -23.53
CA PRO B 30 -4.02 -14.63 -23.36
C PRO B 30 -4.97 -15.11 -22.26
N SER B 31 -4.39 -15.19 -21.07
CA SER B 31 -5.02 -15.52 -19.80
C SER B 31 -4.24 -14.92 -18.63
N SER B 32 -4.90 -14.72 -17.50
CA SER B 32 -4.22 -14.19 -16.31
C SER B 32 -5.06 -14.48 -15.08
N TRP B 33 -4.62 -14.02 -13.91
CA TRP B 33 -5.44 -14.26 -12.73
C TRP B 33 -6.80 -13.56 -12.84
N ARG B 34 -6.87 -12.51 -13.63
CA ARG B 34 -8.11 -11.75 -13.76
C ARG B 34 -9.14 -12.44 -14.65
N GLN B 35 -8.72 -13.13 -15.69
CA GLN B 35 -9.67 -13.71 -16.65
C GLN B 35 -9.07 -14.96 -17.29
N GLU B 36 -9.88 -16.01 -17.35
CA GLU B 36 -9.45 -17.26 -18.00
C GLU B 36 -9.15 -17.04 -19.47
N GLN B 37 -9.87 -16.10 -20.10
CA GLN B 37 -9.63 -15.81 -21.51
C GLN B 37 -9.64 -14.30 -21.72
N ILE B 38 -8.51 -13.80 -22.23
CA ILE B 38 -8.39 -12.36 -22.46
C ILE B 38 -8.77 -12.10 -23.91
N THR B 39 -9.86 -11.35 -24.10
CA THR B 39 -10.37 -11.19 -25.45
C THR B 39 -10.19 -9.78 -26.01
N ARG B 40 -9.83 -8.82 -25.16
CA ARG B 40 -9.57 -7.45 -25.63
C ARG B 40 -8.50 -7.42 -26.71
N THR B 41 -8.56 -6.39 -27.58
CA THR B 41 -7.59 -6.26 -28.65
C THR B 41 -6.39 -5.42 -28.17
N GLN B 42 -5.26 -5.55 -28.85
CA GLN B 42 -4.08 -4.77 -28.47
C GLN B 42 -4.42 -3.29 -28.41
N GLU B 43 -5.20 -2.83 -29.39
CA GLU B 43 -5.64 -1.44 -29.37
C GLU B 43 -6.37 -1.09 -28.09
N GLU B 44 -7.23 -2.01 -27.64
CA GLU B 44 -8.00 -1.75 -26.42
C GLU B 44 -7.07 -1.80 -25.21
N ALA B 45 -6.14 -2.73 -25.29
CA ALA B 45 -5.06 -2.84 -24.30
C ALA B 45 -4.33 -1.50 -24.21
N LEU B 46 -3.94 -0.92 -25.35
CA LEU B 46 -3.17 0.32 -25.33
C LEU B 46 -3.99 1.46 -24.74
N GLU B 47 -5.28 1.48 -25.07
CA GLU B 47 -6.24 2.44 -24.53
C GLU B 47 -6.30 2.42 -23.01
N LEU B 48 -6.31 1.20 -22.47
CA LEU B 48 -6.32 1.03 -21.01
C LEU B 48 -5.03 1.53 -20.39
N ILE B 49 -3.93 1.11 -20.96
CA ILE B 49 -2.59 1.53 -20.51
C ILE B 49 -2.45 3.04 -20.56
N ASN B 50 -2.83 3.67 -21.67
CA ASN B 50 -2.71 5.14 -21.70
C ASN B 50 -3.60 5.73 -20.64
N GLY B 51 -4.73 5.07 -20.38
CA GLY B 51 -5.65 5.52 -19.34
C GLY B 51 -5.03 5.49 -17.96
N TYR B 52 -4.46 4.34 -17.61
CA TYR B 52 -3.78 4.19 -16.33
C TYR B 52 -2.67 5.22 -16.20
N ILE B 53 -1.86 5.37 -17.25
CA ILE B 53 -0.74 6.31 -17.21
C ILE B 53 -1.21 7.71 -16.83
N GLN B 54 -2.39 8.11 -17.32
CA GLN B 54 -2.76 9.50 -16.99
C GLN B 54 -3.24 9.60 -15.56
N LYS B 55 -3.87 8.55 -15.05
CA LYS B 55 -4.33 8.49 -13.68
C LYS B 55 -3.16 8.62 -12.70
N ILE B 56 -2.00 8.11 -13.14
CA ILE B 56 -0.77 8.18 -12.37
C ILE B 56 -0.13 9.55 -12.53
N LYS B 57 0.04 9.97 -13.77
CA LYS B 57 0.66 11.24 -14.15
C LYS B 57 -0.09 12.46 -13.65
N SER B 58 -1.27 12.32 -13.06
CA SER B 58 -2.22 13.33 -12.59
C SER B 58 -2.38 13.20 -11.07
N GLY B 59 -1.92 12.07 -10.55
CA GLY B 59 -1.97 11.78 -9.15
C GLY B 59 -3.29 11.21 -8.68
N GLU B 60 -4.29 11.12 -9.55
CA GLU B 60 -5.61 10.60 -9.14
C GLU B 60 -5.55 9.20 -8.55
N GLU B 61 -4.48 8.46 -8.77
CA GLU B 61 -4.21 7.14 -8.24
C GLU B 61 -2.72 6.81 -8.31
N ASP B 62 -2.24 5.80 -7.59
CA ASP B 62 -0.79 5.58 -7.70
C ASP B 62 -0.47 4.28 -8.44
N PHE B 63 0.75 4.24 -8.98
CA PHE B 63 1.19 3.08 -9.76
C PHE B 63 0.93 1.76 -9.05
N GLU B 64 1.41 1.60 -7.82
CA GLU B 64 1.36 0.31 -7.14
C GLU B 64 -0.05 -0.20 -6.95
N SER B 65 -0.94 0.75 -6.70
CA SER B 65 -2.33 0.39 -6.45
C SER B 65 -3.01 -0.06 -7.74
N LEU B 66 -2.68 0.61 -8.83
CA LEU B 66 -3.24 0.15 -10.11
C LEU B 66 -2.65 -1.18 -10.50
N ALA B 67 -1.36 -1.42 -10.22
CA ALA B 67 -0.82 -2.72 -10.65
C ALA B 67 -1.50 -3.84 -9.89
N SER B 68 -1.75 -3.59 -8.60
CA SER B 68 -2.36 -4.60 -7.75
C SER B 68 -3.76 -4.95 -8.23
N GLN B 69 -4.51 -3.94 -8.68
CA GLN B 69 -5.88 -4.19 -9.12
C GLN B 69 -6.01 -4.63 -10.57
N PHE B 70 -5.17 -4.09 -11.46
CA PHE B 70 -5.44 -4.34 -12.88
C PHE B 70 -4.30 -4.97 -13.65
N SER B 71 -3.16 -5.31 -13.04
CA SER B 71 -2.13 -5.91 -13.90
C SER B 71 -2.40 -7.38 -14.18
N ASP B 72 -2.25 -7.77 -15.44
CA ASP B 72 -2.47 -9.15 -15.90
C ASP B 72 -1.19 -9.96 -15.67
N CYS B 73 -0.39 -9.52 -14.70
CA CYS B 73 0.80 -10.26 -14.28
C CYS B 73 0.61 -10.72 -12.84
N SER B 74 1.10 -11.93 -12.50
CA SER B 74 0.94 -12.39 -11.11
C SER B 74 1.73 -11.50 -10.17
N SER B 75 2.68 -10.70 -10.66
CA SER B 75 3.34 -9.71 -9.80
C SER B 75 2.38 -8.65 -9.28
N ALA B 76 1.13 -8.60 -9.78
CA ALA B 76 0.16 -7.70 -9.17
C ALA B 76 0.01 -8.00 -7.69
N LYS B 77 0.22 -9.25 -7.30
CA LYS B 77 0.04 -9.55 -5.87
C LYS B 77 1.20 -9.03 -5.05
N ALA B 78 2.22 -8.48 -5.72
CA ALA B 78 3.35 -7.86 -5.06
C ALA B 78 3.42 -6.39 -5.47
N ARG B 79 2.22 -5.89 -5.77
CA ARG B 79 2.04 -4.51 -6.20
C ARG B 79 2.92 -4.20 -7.40
N GLY B 80 3.10 -5.23 -8.22
CA GLY B 80 3.79 -5.17 -9.48
C GLY B 80 5.29 -5.32 -9.35
N ASP B 81 5.82 -5.46 -8.13
CA ASP B 81 7.27 -5.62 -8.02
C ASP B 81 7.71 -6.92 -8.69
N LEU B 82 8.73 -6.85 -9.53
CA LEU B 82 9.29 -8.00 -10.23
C LEU B 82 10.63 -8.43 -9.63
N GLY B 83 11.11 -7.62 -8.68
CA GLY B 83 12.42 -7.77 -8.10
C GLY B 83 13.54 -7.39 -9.05
N ALA B 84 14.78 -7.67 -8.65
CA ALA B 84 15.89 -7.24 -9.50
C ALA B 84 16.25 -8.28 -10.54
N PHE B 85 16.76 -7.78 -11.67
CA PHE B 85 17.16 -8.65 -12.75
C PHE B 85 18.35 -8.09 -13.50
N SER B 86 19.21 -9.02 -13.91
CA SER B 86 20.34 -8.77 -14.78
C SER B 86 19.84 -8.95 -16.21
N ARG B 87 20.64 -8.58 -17.21
CA ARG B 87 20.18 -8.88 -18.57
C ARG B 87 20.03 -10.37 -18.75
N GLY B 88 19.36 -10.79 -19.83
CA GLY B 88 19.15 -12.22 -20.04
C GLY B 88 18.14 -12.78 -19.05
N GLN B 89 17.55 -11.96 -18.19
CA GLN B 89 16.59 -12.48 -17.20
C GLN B 89 15.15 -12.32 -17.71
N MET B 90 14.86 -11.16 -18.27
CA MET B 90 13.62 -10.84 -18.94
C MET B 90 13.85 -10.73 -20.46
N GLN B 91 12.77 -10.72 -21.22
CA GLN B 91 12.64 -10.55 -22.65
C GLN B 91 13.32 -9.26 -23.15
N LYS B 92 13.97 -9.38 -24.29
CA LYS B 92 14.74 -8.31 -24.91
C LYS B 92 14.03 -6.96 -24.86
N PRO B 93 12.79 -6.84 -25.32
CA PRO B 93 12.12 -5.53 -25.30
C PRO B 93 11.93 -4.99 -23.89
N PHE B 94 11.54 -5.87 -22.96
CA PHE B 94 11.33 -5.40 -21.59
C PHE B 94 12.64 -4.99 -20.91
N GLU B 95 13.69 -5.76 -21.14
CA GLU B 95 15.00 -5.52 -20.52
C GLU B 95 15.54 -4.17 -20.96
N ASP B 96 15.46 -3.93 -22.26
CA ASP B 96 15.84 -2.71 -22.92
C ASP B 96 15.14 -1.50 -22.32
N ALA B 97 13.80 -1.54 -22.29
CA ALA B 97 13.03 -0.44 -21.71
C ALA B 97 13.36 -0.25 -20.23
N SER B 98 13.64 -1.35 -19.53
CA SER B 98 13.97 -1.27 -18.11
C SER B 98 15.35 -0.64 -17.87
N PHE B 99 16.37 -1.20 -18.51
CA PHE B 99 17.71 -0.64 -18.33
C PHE B 99 17.79 0.79 -18.86
N ALA B 100 16.94 1.18 -19.80
CA ALA B 100 16.97 2.52 -20.36
C ALA B 100 16.25 3.54 -19.50
N LEU B 101 15.62 3.12 -18.39
CA LEU B 101 15.04 4.14 -17.51
C LEU B 101 16.07 4.56 -16.47
N ARG B 102 15.98 5.79 -15.99
CA ARG B 102 16.72 6.23 -14.82
C ARG B 102 16.01 5.73 -13.57
N THR B 103 16.69 5.64 -12.43
CA THR B 103 16.01 5.16 -11.23
C THR B 103 14.84 6.07 -10.85
N GLY B 104 13.70 5.46 -10.59
CA GLY B 104 12.51 6.24 -10.26
C GLY B 104 11.76 6.76 -11.47
N GLU B 105 12.19 6.43 -12.69
CA GLU B 105 11.45 6.87 -13.87
C GLU B 105 10.38 5.86 -14.27
N MET B 106 9.25 6.40 -14.76
CA MET B 106 8.19 5.55 -15.26
C MET B 106 8.15 5.61 -16.79
N SER B 107 8.04 4.47 -17.46
CA SER B 107 8.07 4.43 -18.91
C SER B 107 6.73 4.88 -19.50
N GLY B 108 6.71 4.96 -20.82
CA GLY B 108 5.44 5.08 -21.56
C GLY B 108 5.06 3.65 -21.97
N PRO B 109 4.03 3.43 -22.78
CA PRO B 109 3.69 2.06 -23.16
C PRO B 109 4.87 1.28 -23.73
N VAL B 110 5.10 0.08 -23.22
CA VAL B 110 6.17 -0.78 -23.70
C VAL B 110 5.56 -2.05 -24.29
N PHE B 111 5.92 -2.41 -25.50
CA PHE B 111 5.35 -3.55 -26.22
C PHE B 111 6.23 -4.79 -26.17
N THR B 112 5.63 -5.87 -25.68
CA THR B 112 6.28 -7.17 -25.73
C THR B 112 5.33 -8.23 -26.25
N ASP B 113 5.89 -9.40 -26.48
CA ASP B 113 5.14 -10.60 -26.82
C ASP B 113 4.09 -10.94 -25.76
N SER B 114 4.23 -10.42 -24.55
CA SER B 114 3.31 -10.71 -23.46
C SER B 114 2.12 -9.76 -23.40
N GLY B 115 2.26 -8.56 -23.95
CA GLY B 115 1.23 -7.54 -23.91
C GLY B 115 1.81 -6.13 -23.95
N ILE B 116 1.11 -5.17 -23.36
CA ILE B 116 1.57 -3.80 -23.25
C ILE B 116 1.82 -3.44 -21.78
N HIS B 117 2.98 -2.85 -21.51
CA HIS B 117 3.37 -2.56 -20.15
C HIS B 117 3.74 -1.09 -19.91
N ILE B 118 3.51 -0.71 -18.65
CA ILE B 118 4.06 0.43 -17.96
C ILE B 118 5.08 -0.08 -16.93
N ILE B 119 6.29 0.42 -17.06
CA ILE B 119 7.42 0.00 -16.22
C ILE B 119 7.86 1.16 -15.33
N LEU B 120 8.16 0.82 -14.08
CA LEU B 120 8.72 1.78 -13.14
C LEU B 120 10.00 1.18 -12.56
N ARG B 121 11.13 1.84 -12.81
CA ARG B 121 12.41 1.38 -12.28
C ARG B 121 12.56 1.89 -10.86
N THR B 122 12.74 0.95 -9.93
CA THR B 122 12.80 1.35 -8.52
C THR B 122 14.24 1.38 -8.03
N GLU B 123 15.09 0.63 -8.71
CA GLU B 123 16.49 0.54 -8.33
C GLU B 123 17.37 0.36 -9.57
#